data_5VU0
#
_entry.id   5VU0
#
_cell.length_a   124.069
_cell.length_b   48.846
_cell.length_c   134.927
_cell.angle_alpha   90.00
_cell.angle_beta   103.77
_cell.angle_gamma   90.00
#
_symmetry.space_group_name_H-M   'C 1 2 1'
#
loop_
_entity.id
_entity.type
_entity.pdbx_description
1 polymer 'Immunoglobulin gamma-1 heavy chain'
2 polymer 'Low affinity immunoglobulin gamma Fc region receptor III-A'
3 branched beta-D-galactopyranose-(1-4)-2-acetamido-2-deoxy-beta-D-glucopyranose-(1-2)-alpha-D-mannopyranose-(1-6)-[2-acetamido-2-deoxy-beta-D-glucopyranose-(1-2)-alpha-D-mannopyranose-(1-3)]beta-D-mannopyranose-(1-4)-2-acetamido-2-deoxy-beta-D-glucopyranose-(1-4)-2-acetamido-2-deoxy-beta-D-glucopyranose
4 non-polymer 1,2-ETHANEDIOL
5 non-polymer DI(HYDROXYETHYL)ETHER
6 non-polymer 'SODIUM ION'
7 non-polymer 2-acetamido-2-deoxy-beta-D-glucopyranose
8 water water
#
loop_
_entity_poly.entity_id
_entity_poly.type
_entity_poly.pdbx_seq_one_letter_code
_entity_poly.pdbx_strand_id
1 'polypeptide(L)'
;PCPAPELLGGPSVFLFPPKPKDTLMISRTPEVTCVVVDVSHEDPEVKFNWYVDGVEVHNAKTKPREEQYNSTYRVVSVLT
VLHQDWLNGKEYKCKVSNKALPAPIEKTISKAKGQPREPQVYTLPPSRDELTKNQVSLTCLVKGFYPSDIAVEWESNGQP
ENNYKTTPPVLDSDGSFFLYSKLTVDKSRWQQGNVFSCSVMHEALHNHYTQKSLSLS
;
A,B
2 'polypeptide(L)'
;TDLPKAVVFLEPQWYRVLEKDSVTLKCQGAYSPEDQSTQWFHNESLISSQASSYFIDAATVDDSGEYRCQTQLSTLSDPV
QLEVHIGWLLLQAPRWVFKEEDPIHLRCHSWKNTALHKVTYLQNGKGRKYFHHNSDFYIPKATLKDSGSYFCRGLVGSKN
VSSETVQITITQ
;
C
#
# COMPACT_ATOMS: atom_id res chain seq x y z
N PRO A 1 16.02 -21.04 -4.56
CA PRO A 1 14.85 -20.97 -5.44
C PRO A 1 14.67 -19.58 -6.07
N CYS A 2 14.50 -19.54 -7.40
CA CYS A 2 14.41 -18.26 -8.12
C CYS A 2 12.97 -17.80 -8.35
N PRO A 3 12.73 -16.48 -8.37
CA PRO A 3 11.37 -15.95 -8.59
C PRO A 3 11.00 -15.91 -10.08
N ALA A 4 10.05 -16.74 -10.50
CA ALA A 4 9.52 -16.74 -11.87
C ALA A 4 8.08 -16.23 -11.86
N PRO A 5 7.85 -14.96 -12.26
CA PRO A 5 6.47 -14.48 -12.35
C PRO A 5 5.81 -14.98 -13.63
N LEU A 7 0.80 -13.91 -15.38
CA LEU A 7 1.78 -12.85 -15.21
C LEU A 7 1.47 -11.57 -16.05
N LEU A 8 2.06 -11.44 -17.24
CA LEU A 8 2.04 -10.15 -17.96
C LEU A 8 0.78 -9.96 -18.82
N GLY A 9 -0.06 -8.99 -18.44
CA GLY A 9 -1.11 -8.48 -19.32
C GLY A 9 -2.26 -9.43 -19.61
N GLY A 10 -2.95 -9.84 -18.56
CA GLY A 10 -4.18 -10.58 -18.69
C GLY A 10 -4.88 -10.50 -17.36
N PRO A 11 -5.96 -11.24 -17.19
CA PRO A 11 -6.64 -11.32 -15.92
C PRO A 11 -5.79 -11.82 -14.76
N SER A 12 -6.07 -11.32 -13.55
CA SER A 12 -5.42 -11.79 -12.32
C SER A 12 -6.37 -12.47 -11.37
N VAL A 13 -5.85 -13.44 -10.62
CA VAL A 13 -6.66 -14.29 -9.73
C VAL A 13 -6.24 -14.20 -8.28
N PHE A 14 -7.19 -14.00 -7.36
CA PHE A 14 -6.95 -14.01 -5.91
C PHE A 14 -7.91 -15.00 -5.25
N LEU A 15 -7.32 -15.90 -4.42
CA LEU A 15 -8.00 -17.00 -3.76
C LEU A 15 -7.91 -16.72 -2.27
N PHE A 16 -9.08 -16.68 -1.63
CA PHE A 16 -9.23 -16.31 -0.24
C PHE A 16 -9.85 -17.45 0.62
N PRO A 17 -9.37 -17.62 1.83
CA PRO A 17 -9.78 -18.75 2.69
C PRO A 17 -11.11 -18.42 3.36
N PRO A 18 -11.75 -19.44 4.01
CA PRO A 18 -12.89 -19.14 4.87
C PRO A 18 -12.52 -18.32 6.07
N LYS A 19 -13.54 -17.70 6.66
CA LYS A 19 -13.33 -17.04 7.93
C LYS A 19 -13.18 -18.08 9.02
N PRO A 20 -12.33 -17.78 9.97
CA PRO A 20 -12.08 -18.71 11.07
C PRO A 20 -13.32 -19.14 11.79
N LYS A 21 -14.18 -18.18 12.06
CA LYS A 21 -15.36 -18.49 12.81
C LYS A 21 -16.26 -19.46 12.05
N ASP A 22 -16.20 -19.43 10.73
CA ASP A 22 -17.02 -20.32 9.88
C ASP A 22 -16.54 -21.78 9.87
N THR A 23 -15.21 -21.99 9.89
CA THR A 23 -14.66 -23.35 9.96
C THR A 23 -14.80 -23.92 11.33
N LEU A 24 -14.81 -23.06 12.34
CA LEU A 24 -14.78 -23.53 13.71
C LEU A 24 -16.15 -23.81 14.36
N MET A 25 -17.25 -23.16 13.91
CA MET A 25 -18.61 -23.41 14.53
C MET A 25 -19.37 -24.21 13.49
N ILE A 26 -19.76 -25.42 13.86
CA ILE A 26 -20.37 -26.35 12.90
C ILE A 26 -21.62 -25.87 12.14
N SER A 27 -22.38 -24.98 12.74
CA SER A 27 -23.63 -24.58 12.06
C SER A 27 -23.36 -23.46 11.03
N ARG A 28 -22.19 -22.86 11.05
CA ARG A 28 -21.85 -21.84 10.09
C ARG A 28 -21.42 -22.47 8.79
N THR A 29 -21.38 -21.65 7.77
CA THR A 29 -21.08 -22.13 6.43
C THR A 29 -19.76 -21.57 5.91
N PRO A 30 -18.64 -22.28 6.04
CA PRO A 30 -17.39 -21.80 5.43
C PRO A 30 -17.34 -21.92 3.93
N GLU A 31 -16.61 -20.96 3.33
CA GLU A 31 -16.44 -20.77 1.87
C GLU A 31 -15.01 -20.42 1.49
N VAL A 32 -14.51 -20.97 0.41
CA VAL A 32 -13.33 -20.44 -0.26
C VAL A 32 -13.82 -19.59 -1.44
N THR A 33 -13.13 -18.47 -1.66
CA THR A 33 -13.52 -17.52 -2.69
C THR A 33 -12.40 -17.23 -3.75
N CYS A 34 -12.68 -17.57 -5.00
CA CYS A 34 -11.75 -17.31 -6.12
C CYS A 34 -12.25 -16.08 -6.89
N VAL A 35 -11.49 -14.99 -6.82
CA VAL A 35 -11.87 -13.67 -7.43
C VAL A 35 -10.94 -13.45 -8.64
N VAL A 36 -11.51 -13.11 -9.80
CA VAL A 36 -10.81 -12.81 -11.10
C VAL A 36 -11.02 -11.35 -11.43
N VAL A 37 -9.95 -10.56 -11.50
CA VAL A 37 -10.09 -9.16 -11.82
C VAL A 37 -9.34 -8.91 -13.15
N ASP A 38 -9.45 -7.70 -13.67
CA ASP A 38 -8.83 -7.34 -14.95
C ASP A 38 -9.29 -8.22 -16.14
N VAL A 39 -10.59 -8.49 -16.17
CA VAL A 39 -11.23 -9.12 -17.30
C VAL A 39 -11.67 -8.02 -18.28
N SER A 40 -11.25 -8.11 -19.53
CA SER A 40 -11.70 -7.17 -20.55
C SER A 40 -13.11 -7.43 -21.02
N HIS A 41 -13.68 -6.42 -21.62
CA HIS A 41 -14.92 -6.53 -22.34
C HIS A 41 -14.76 -7.41 -23.59
N GLU A 42 -13.59 -7.32 -24.24
CA GLU A 42 -13.31 -8.09 -25.47
C GLU A 42 -13.38 -9.59 -25.27
N ASP A 43 -12.91 -10.09 -24.10
CA ASP A 43 -12.98 -11.52 -23.74
C ASP A 43 -13.48 -11.66 -22.30
N PRO A 44 -14.78 -11.43 -22.12
CA PRO A 44 -15.33 -11.39 -20.78
C PRO A 44 -15.59 -12.74 -20.13
N GLU A 45 -15.57 -13.84 -20.87
CA GLU A 45 -16.05 -15.12 -20.39
C GLU A 45 -14.95 -15.79 -19.58
N VAL A 46 -15.27 -16.16 -18.33
CA VAL A 46 -14.30 -16.77 -17.43
C VAL A 46 -14.81 -18.13 -17.06
N LYS A 47 -13.97 -19.16 -17.12
CA LYS A 47 -14.35 -20.50 -16.62
C LYS A 47 -13.53 -20.87 -15.39
N PHE A 48 -14.21 -21.47 -14.41
CA PHE A 48 -13.63 -21.95 -13.15
C PHE A 48 -13.72 -23.43 -13.07
N ASN A 49 -12.61 -24.08 -12.70
CA ASN A 49 -12.59 -25.50 -12.27
C ASN A 49 -12.11 -25.56 -10.83
N TRP A 50 -12.82 -26.28 -9.95
CA TRP A 50 -12.36 -26.41 -8.59
C TRP A 50 -11.88 -27.83 -8.24
N TYR A 51 -10.83 -27.94 -7.44
CA TYR A 51 -10.29 -29.23 -6.94
C TYR A 51 -9.99 -29.21 -5.43
N VAL A 52 -10.33 -30.32 -4.76
CA VAL A 52 -10.03 -30.56 -3.37
C VAL A 52 -9.06 -31.75 -3.29
N ASP A 53 -7.80 -31.44 -2.92
CA ASP A 53 -6.64 -32.35 -3.04
C ASP A 53 -6.52 -33.03 -4.41
N GLY A 54 -6.62 -32.24 -5.44
CA GLY A 54 -6.49 -32.74 -6.82
C GLY A 54 -7.68 -33.44 -7.45
N VAL A 55 -8.75 -33.69 -6.69
CA VAL A 55 -9.96 -34.34 -7.20
C VAL A 55 -10.98 -33.23 -7.55
N GLU A 56 -11.48 -33.21 -8.79
CA GLU A 56 -12.35 -32.14 -9.22
C GLU A 56 -13.69 -32.23 -8.50
N VAL A 57 -14.23 -31.07 -8.07
CA VAL A 57 -15.57 -30.96 -7.43
C VAL A 57 -16.45 -30.02 -8.25
N HIS A 58 -17.78 -30.08 -8.08
CA HIS A 58 -18.71 -29.51 -9.06
C HIS A 58 -19.81 -28.68 -8.41
N ASN A 59 -19.67 -28.40 -7.12
CA ASN A 59 -20.70 -27.69 -6.36
C ASN A 59 -20.43 -26.21 -6.22
N ALA A 60 -19.45 -25.66 -6.94
CA ALA A 60 -19.15 -24.21 -6.81
C ALA A 60 -20.20 -23.27 -7.48
N LYS A 61 -20.45 -22.11 -6.89
CA LYS A 61 -21.44 -21.13 -7.31
C LYS A 61 -20.65 -20.00 -7.94
N THR A 62 -20.64 -19.93 -9.27
CA THR A 62 -20.10 -18.79 -9.98
C THR A 62 -21.15 -17.66 -10.16
N LYS A 63 -20.79 -16.44 -9.74
CA LYS A 63 -21.68 -15.26 -9.80
C LYS A 63 -21.60 -14.57 -11.13
N PRO A 64 -22.62 -13.76 -11.46
CA PRO A 64 -22.49 -12.98 -12.73
C PRO A 64 -21.32 -12.00 -12.67
N ARG A 65 -20.68 -11.75 -13.79
CA ARG A 65 -19.62 -10.75 -13.83
C ARG A 65 -20.17 -9.35 -13.60
N GLU A 66 -19.39 -8.48 -12.96
CA GLU A 66 -19.77 -7.10 -12.72
C GLU A 66 -18.69 -6.14 -13.17
N GLU A 67 -19.13 -5.14 -13.89
CA GLU A 67 -18.27 -4.09 -14.36
C GLU A 67 -17.86 -3.25 -13.18
N GLN A 68 -16.58 -2.97 -13.04
CA GLN A 68 -16.06 -2.14 -11.96
C GLN A 68 -16.02 -0.67 -12.38
N TYR A 69 -15.80 0.17 -11.40
CA TYR A 69 -15.67 1.57 -11.65
C TYR A 69 -14.54 1.91 -12.69
N ASN A 70 -13.47 1.14 -12.68
CA ASN A 70 -12.37 1.33 -13.60
C ASN A 70 -12.61 0.76 -15.03
N SER A 71 -13.81 0.22 -15.33
CA SER A 71 -14.24 -0.35 -16.61
C SER A 71 -13.75 -1.80 -16.88
N THR A 72 -13.10 -2.46 -15.94
CA THR A 72 -12.83 -3.90 -16.11
C THR A 72 -14.03 -4.67 -15.56
N TYR A 73 -14.12 -5.96 -15.91
CA TYR A 73 -15.02 -6.88 -15.26
C TYR A 73 -14.30 -7.58 -14.09
N ARG A 74 -15.08 -7.90 -13.08
CA ARG A 74 -14.65 -8.83 -12.00
C ARG A 74 -15.64 -9.99 -11.89
N VAL A 75 -15.14 -11.20 -11.65
CA VAL A 75 -15.98 -12.39 -11.53
C VAL A 75 -15.56 -13.22 -10.32
N VAL A 76 -16.52 -13.70 -9.56
CA VAL A 76 -16.28 -14.38 -8.32
C VAL A 76 -16.91 -15.79 -8.39
N SER A 77 -16.13 -16.81 -8.03
CA SER A 77 -16.65 -18.16 -7.82
C SER A 77 -16.43 -18.56 -6.38
N VAL A 78 -17.48 -19.09 -5.77
CA VAL A 78 -17.50 -19.41 -4.29
C VAL A 78 -17.70 -20.94 -4.11
N LEU A 79 -16.84 -21.56 -3.33
CA LEU A 79 -16.95 -23.03 -3.09
C LEU A 79 -17.14 -23.22 -1.62
N THR A 80 -18.29 -23.82 -1.27
CA THR A 80 -18.57 -24.27 0.06
C THR A 80 -17.65 -25.42 0.47
N VAL A 81 -16.98 -25.30 1.64
CA VAL A 81 -16.05 -26.35 2.15
C VAL A 81 -16.63 -27.09 3.34
N LEU A 82 -16.28 -28.35 3.49
CA LEU A 82 -16.65 -29.11 4.72
C LEU A 82 -15.69 -28.65 5.80
N HIS A 83 -16.24 -28.26 6.96
CA HIS A 83 -15.46 -27.90 8.15
C HIS A 83 -14.31 -28.87 8.34
N GLN A 84 -14.59 -30.14 8.49
CA GLN A 84 -13.50 -31.08 8.74
C GLN A 84 -12.47 -31.17 7.61
N ASP A 85 -12.86 -30.91 6.38
CA ASP A 85 -11.91 -30.99 5.28
C ASP A 85 -10.87 -29.88 5.44
N TRP A 86 -11.37 -28.67 5.70
CA TRP A 86 -10.55 -27.53 5.87
C TRP A 86 -9.62 -27.73 7.04
N LEU A 87 -10.16 -28.17 8.17
CA LEU A 87 -9.34 -28.33 9.35
C LEU A 87 -8.40 -29.53 9.28
N ASN A 88 -8.72 -30.53 8.48
CA ASN A 88 -7.76 -31.60 8.21
C ASN A 88 -6.68 -31.27 7.15
N GLY A 89 -6.60 -30.02 6.76
CA GLY A 89 -5.50 -29.61 5.84
C GLY A 89 -5.63 -29.93 4.37
N LYS A 90 -6.82 -30.14 3.85
CA LYS A 90 -6.92 -30.36 2.42
C LYS A 90 -6.68 -29.10 1.71
N GLU A 91 -6.22 -29.25 0.46
CA GLU A 91 -5.92 -28.16 -0.43
C GLU A 91 -7.02 -27.89 -1.44
N TYR A 92 -7.39 -26.65 -1.52
CA TYR A 92 -8.42 -26.20 -2.40
C TYR A 92 -7.74 -25.48 -3.53
N LYS A 93 -7.93 -25.95 -4.76
CA LYS A 93 -7.34 -25.31 -5.92
C LYS A 93 -8.41 -24.69 -6.78
N CYS A 94 -8.13 -23.48 -7.25
CA CYS A 94 -9.00 -22.81 -8.22
C CYS A 94 -8.24 -22.64 -9.52
N LYS A 95 -8.84 -23.06 -10.63
CA LYS A 95 -8.24 -22.93 -11.93
C LYS A 95 -9.12 -22.08 -12.80
N VAL A 96 -8.55 -21.06 -13.38
CA VAL A 96 -9.27 -20.02 -14.11
C VAL A 96 -8.80 -19.99 -15.57
N SER A 97 -9.75 -20.07 -16.51
CA SER A 97 -9.52 -20.09 -17.93
C SER A 97 -10.25 -18.91 -18.57
N ASN A 98 -9.57 -18.24 -19.49
CA ASN A 98 -10.08 -17.10 -20.17
C ASN A 98 -9.26 -16.92 -21.44
N LYS A 99 -9.87 -16.45 -22.53
CA LYS A 99 -9.15 -16.34 -23.79
C LYS A 99 -7.93 -15.41 -23.77
N ALA A 100 -7.81 -14.44 -22.85
CA ALA A 100 -6.61 -13.59 -22.83
C ALA A 100 -5.43 -14.18 -22.02
N LEU A 101 -5.63 -15.35 -21.41
CA LEU A 101 -4.57 -16.11 -20.73
C LEU A 101 -3.97 -17.14 -21.67
N PRO A 102 -2.63 -17.03 -21.91
CA PRO A 102 -2.00 -18.01 -22.78
C PRO A 102 -2.10 -19.41 -22.17
N ALA A 103 -2.18 -19.50 -20.83
CA ALA A 103 -2.58 -20.74 -20.16
C ALA A 103 -3.44 -20.47 -18.89
N PRO A 104 -4.25 -21.46 -18.46
CA PRO A 104 -5.01 -21.28 -17.20
C PRO A 104 -4.16 -20.83 -15.96
N ILE A 105 -4.74 -20.08 -15.04
CA ILE A 105 -4.03 -19.67 -13.83
C ILE A 105 -4.60 -20.54 -12.75
N GLU A 106 -3.72 -21.15 -11.96
CA GLU A 106 -4.08 -22.02 -10.88
C GLU A 106 -3.61 -21.39 -9.59
N LYS A 107 -4.47 -21.37 -8.58
CA LYS A 107 -4.08 -20.95 -7.21
C LYS A 107 -4.55 -22.00 -6.27
N THR A 108 -3.79 -22.17 -5.20
CA THR A 108 -4.04 -23.22 -4.22
C THR A 108 -4.02 -22.60 -2.85
N ILE A 109 -4.92 -23.03 -2.00
CA ILE A 109 -4.96 -22.50 -0.63
C ILE A 109 -5.33 -23.61 0.37
N SER A 110 -4.81 -23.49 1.57
CA SER A 110 -5.10 -24.43 2.63
C SER A 110 -4.77 -23.78 3.93
N LYS A 111 -5.14 -24.45 5.00
CA LYS A 111 -4.97 -23.99 6.37
C LYS A 111 -3.49 -23.91 6.66
N ALA A 112 -3.21 -23.01 7.57
CA ALA A 112 -1.85 -22.71 8.00
C ALA A 112 -1.29 -24.00 8.63
N LYS A 113 -0.03 -24.26 8.29
CA LYS A 113 0.70 -25.39 8.82
C LYS A 113 1.37 -25.05 10.17
N GLY A 114 1.89 -26.07 10.82
CA GLY A 114 2.68 -25.93 12.08
C GLY A 114 1.91 -26.51 13.25
N GLN A 115 2.59 -26.82 14.30
CA GLN A 115 1.95 -27.48 15.43
C GLN A 115 1.05 -26.54 16.17
N PRO A 116 -0.22 -26.90 16.27
CA PRO A 116 -1.20 -26.08 17.02
C PRO A 116 -0.89 -25.93 18.47
N ARG A 117 -1.15 -24.76 19.01
CA ARG A 117 -1.02 -24.53 20.42
C ARG A 117 -2.32 -23.87 20.96
N GLU A 118 -2.78 -24.36 22.08
CA GLU A 118 -4.01 -23.92 22.71
C GLU A 118 -3.92 -22.46 23.25
N PRO A 119 -4.89 -21.57 22.91
CA PRO A 119 -4.81 -20.24 23.56
C PRO A 119 -5.13 -20.27 25.03
N GLN A 120 -4.46 -19.44 25.80
CA GLN A 120 -4.80 -19.23 27.20
C GLN A 120 -5.46 -17.85 27.18
N VAL A 121 -6.64 -17.76 27.79
CA VAL A 121 -7.50 -16.59 27.73
C VAL A 121 -7.73 -16.00 29.14
N TYR A 122 -7.40 -14.70 29.29
CA TYR A 122 -7.40 -14.05 30.59
C TYR A 122 -8.01 -12.68 30.43
N THR A 123 -9.00 -12.40 31.29
CA THR A 123 -9.63 -11.08 31.33
C THR A 123 -9.03 -10.26 32.49
N LEU A 124 -8.89 -8.96 32.27
CA LEU A 124 -8.19 -8.04 33.15
C LEU A 124 -9.12 -6.88 33.38
N PRO A 125 -9.42 -6.56 34.65
CA PRO A 125 -10.26 -5.37 34.82
C PRO A 125 -9.56 -4.02 34.51
N PRO A 126 -10.33 -2.93 34.47
CA PRO A 126 -9.70 -1.61 34.37
C PRO A 126 -8.74 -1.32 35.49
N SER A 127 -7.63 -0.66 35.14
CA SER A 127 -6.72 -0.01 36.07
C SER A 127 -7.49 0.84 37.03
N ARG A 128 -7.14 0.77 38.32
CA ARG A 128 -7.67 1.74 39.31
C ARG A 128 -7.62 3.17 38.70
N ASP A 129 -6.50 3.55 38.10
CA ASP A 129 -6.31 4.93 37.58
C ASP A 129 -7.25 5.39 36.47
N GLU A 130 -7.85 4.41 35.76
CA GLU A 130 -8.85 4.71 34.71
C GLU A 130 -10.27 5.00 35.25
N LEU A 131 -10.56 4.59 36.51
CA LEU A 131 -11.94 4.72 37.10
C LEU A 131 -12.39 6.16 37.32
N THR A 132 -11.43 7.06 37.13
CA THR A 132 -11.61 8.50 37.18
C THR A 132 -12.09 9.06 35.84
N LYS A 133 -12.15 8.24 34.78
CA LYS A 133 -12.71 8.63 33.48
C LYS A 133 -14.19 8.29 33.43
N ASN A 134 -14.84 8.77 32.36
CA ASN A 134 -16.22 8.45 31.99
C ASN A 134 -16.44 7.06 31.32
N GLN A 135 -15.37 6.54 30.76
CA GLN A 135 -15.37 5.32 29.97
C GLN A 135 -14.23 4.48 30.50
N VAL A 136 -14.39 3.17 30.61
CA VAL A 136 -13.29 2.29 31.08
C VAL A 136 -13.03 1.17 30.17
N SER A 137 -11.87 0.55 30.38
CA SER A 137 -11.33 -0.39 29.42
C SER A 137 -11.31 -1.75 30.09
N LEU A 138 -11.97 -2.69 29.43
CA LEU A 138 -11.95 -4.13 29.80
C LEU A 138 -11.02 -4.85 28.81
N THR A 139 -10.15 -5.71 29.32
CA THR A 139 -9.07 -6.28 28.53
C THR A 139 -9.18 -7.78 28.53
N CYS A 140 -9.14 -8.38 27.33
CA CYS A 140 -8.93 -9.79 27.20
C CYS A 140 -7.55 -10.06 26.55
N LEU A 141 -6.71 -10.78 27.30
CA LEU A 141 -5.42 -11.28 26.83
C LEU A 141 -5.61 -12.69 26.33
N VAL A 142 -5.18 -12.95 25.08
CA VAL A 142 -5.24 -14.25 24.48
C VAL A 142 -3.79 -14.54 24.07
N LYS A 143 -3.18 -15.56 24.70
CA LYS A 143 -1.79 -15.86 24.48
C LYS A 143 -1.55 -17.37 24.29
N GLY A 144 -0.38 -17.67 23.72
CA GLY A 144 0.12 -19.00 23.53
C GLY A 144 -0.46 -19.77 22.40
N PHE A 145 -1.03 -19.08 21.42
CA PHE A 145 -1.78 -19.79 20.41
C PHE A 145 -1.06 -19.94 19.07
N TYR A 146 -1.32 -21.05 18.38
CA TYR A 146 -0.78 -21.25 17.07
C TYR A 146 -1.79 -22.15 16.34
N PRO A 147 -2.18 -21.87 15.10
CA PRO A 147 -1.69 -20.79 14.24
C PRO A 147 -2.42 -19.52 14.58
N SER A 148 -2.19 -18.46 13.84
CA SER A 148 -2.67 -17.12 14.19
C SER A 148 -4.09 -16.90 13.93
N ASP A 149 -4.71 -17.82 13.19
CA ASP A 149 -6.12 -17.73 12.82
C ASP A 149 -7.04 -17.89 14.07
N ILE A 150 -7.82 -16.88 14.37
CA ILE A 150 -8.56 -16.92 15.63
C ILE A 150 -9.69 -15.89 15.48
N ALA A 151 -10.77 -16.02 16.26
CA ALA A 151 -11.80 -14.99 16.40
C ALA A 151 -11.99 -14.72 17.85
N VAL A 152 -12.05 -13.46 18.17
CA VAL A 152 -12.25 -13.00 19.54
C VAL A 152 -13.43 -12.04 19.53
N GLU A 153 -14.40 -12.21 20.43
CA GLU A 153 -15.55 -11.32 20.51
C GLU A 153 -15.97 -11.09 21.94
N TRP A 154 -16.69 -10.00 22.17
CA TRP A 154 -17.10 -9.63 23.46
C TRP A 154 -18.62 -9.63 23.57
N GLU A 155 -19.10 -9.90 24.75
CA GLU A 155 -20.57 -9.96 24.94
C GLU A 155 -20.88 -9.38 26.29
N SER A 156 -22.07 -8.87 26.42
CA SER A 156 -22.51 -8.32 27.70
C SER A 156 -23.88 -8.82 27.94
N ASN A 157 -24.02 -9.46 29.10
CA ASN A 157 -25.23 -10.18 29.46
C ASN A 157 -25.65 -10.92 28.21
N GLY A 158 -26.91 -10.70 27.77
CA GLY A 158 -27.39 -11.43 26.57
C GLY A 158 -26.40 -11.42 25.40
N GLN A 159 -26.24 -10.17 24.91
CA GLN A 159 -25.96 -9.62 23.55
C GLN A 159 -24.48 -9.32 23.15
N PRO A 160 -24.21 -9.20 21.84
CA PRO A 160 -22.85 -8.74 21.44
C PRO A 160 -22.53 -7.29 21.83
N GLU A 161 -21.36 -7.05 22.38
CA GLU A 161 -20.90 -5.71 22.71
C GLU A 161 -20.00 -5.42 21.56
N ASN A 162 -20.27 -4.37 20.81
CA ASN A 162 -19.37 -4.03 19.74
C ASN A 162 -19.09 -2.47 19.89
N ASN A 163 -18.37 -2.16 20.95
CA ASN A 163 -17.52 -1.05 21.00
C ASN A 163 -16.13 -1.59 21.49
N TYR A 164 -15.55 -2.50 20.70
CA TYR A 164 -14.25 -3.04 21.04
C TYR A 164 -13.32 -3.05 19.81
N LYS A 165 -12.01 -3.16 20.04
CA LYS A 165 -10.98 -3.27 18.98
C LYS A 165 -9.98 -4.33 19.47
N THR A 166 -9.48 -5.14 18.56
CA THR A 166 -8.54 -6.20 18.86
C THR A 166 -7.28 -5.91 18.10
N THR A 167 -6.14 -6.15 18.74
CA THR A 167 -4.88 -5.92 18.07
C THR A 167 -4.69 -7.09 17.09
N PRO A 168 -3.81 -6.93 16.09
CA PRO A 168 -3.44 -8.12 15.43
C PRO A 168 -2.65 -9.10 16.32
N PRO A 169 -2.55 -10.36 15.87
CA PRO A 169 -1.69 -11.34 16.56
C PRO A 169 -0.22 -10.89 16.47
N VAL A 170 0.52 -11.03 17.58
CA VAL A 170 1.90 -10.70 17.68
C VAL A 170 2.70 -11.99 17.98
N LEU A 171 3.75 -12.21 17.19
CA LEU A 171 4.60 -13.38 17.34
C LEU A 171 5.42 -13.19 18.60
N ASP A 172 5.21 -14.08 19.56
CA ASP A 172 5.86 -14.01 20.83
C ASP A 172 7.22 -14.70 20.73
N SER A 173 7.99 -14.56 21.81
CA SER A 173 9.39 -15.04 21.88
C SER A 173 9.52 -16.55 21.86
N ASP A 174 8.42 -17.27 22.21
CA ASP A 174 8.44 -18.73 22.24
C ASP A 174 7.87 -19.27 20.95
N GLY A 175 7.66 -18.43 19.94
CA GLY A 175 7.12 -18.90 18.66
C GLY A 175 5.60 -19.06 18.64
N SER A 176 4.90 -18.88 19.75
CA SER A 176 3.48 -18.81 19.67
C SER A 176 3.03 -17.35 19.47
N PHE A 177 1.71 -17.12 19.36
CA PHE A 177 1.15 -15.76 19.16
C PHE A 177 0.36 -15.32 20.38
N PHE A 178 0.29 -13.97 20.59
CA PHE A 178 -0.70 -13.42 21.48
C PHE A 178 -1.41 -12.23 20.83
N LEU A 179 -2.54 -11.81 21.39
CA LEU A 179 -3.15 -10.55 21.04
C LEU A 179 -3.88 -10.03 22.29
N TYR A 180 -4.28 -8.76 22.25
CA TYR A 180 -5.13 -8.21 23.29
C TYR A 180 -6.40 -7.72 22.64
N SER A 181 -7.54 -7.85 23.30
CA SER A 181 -8.73 -7.17 22.85
C SER A 181 -9.24 -6.21 23.93
N LYS A 182 -9.68 -5.01 23.52
CA LYS A 182 -10.07 -3.97 24.44
C LYS A 182 -11.54 -3.55 24.21
N LEU A 183 -12.38 -3.81 25.21
CA LEU A 183 -13.79 -3.34 25.25
C LEU A 183 -13.90 -2.09 26.05
N THR A 184 -14.50 -1.07 25.44
CA THR A 184 -14.71 0.24 26.10
C THR A 184 -16.19 0.28 26.45
N VAL A 185 -16.45 0.52 27.74
CA VAL A 185 -17.81 0.62 28.28
C VAL A 185 -17.93 1.84 29.24
N ASP A 186 -19.08 2.48 29.21
CA ASP A 186 -19.39 3.51 30.23
C ASP A 186 -19.15 3.01 31.67
N LYS A 187 -18.35 3.77 32.43
CA LYS A 187 -17.99 3.43 33.82
C LYS A 187 -19.22 3.01 34.61
N SER A 188 -20.36 3.66 34.40
CA SER A 188 -21.58 3.25 35.15
C SER A 188 -21.97 1.79 34.92
N ARG A 189 -21.82 1.31 33.69
CA ARG A 189 -22.16 -0.07 33.38
C ARG A 189 -21.23 -1.02 34.12
N TRP A 190 -19.94 -0.70 34.18
CA TRP A 190 -18.99 -1.46 34.99
C TRP A 190 -19.29 -1.43 36.54
N GLN A 191 -19.57 -0.24 37.08
CA GLN A 191 -19.81 -0.08 38.52
C GLN A 191 -21.18 -0.65 38.94
N GLN A 192 -22.17 -0.71 38.05
CA GLN A 192 -23.45 -1.42 38.33
C GLN A 192 -23.42 -2.98 38.24
N GLY A 193 -22.24 -3.63 38.19
CA GLY A 193 -22.24 -5.09 38.27
C GLY A 193 -22.52 -5.87 36.98
N ASN A 194 -22.56 -5.23 35.81
CA ASN A 194 -22.74 -5.98 34.54
C ASN A 194 -21.61 -6.92 34.18
N VAL A 195 -21.98 -8.07 33.65
CA VAL A 195 -21.03 -9.17 33.41
C VAL A 195 -20.62 -9.02 31.94
N PHE A 196 -19.33 -8.90 31.71
CA PHE A 196 -18.75 -8.83 30.34
C PHE A 196 -17.97 -10.10 30.02
N SER A 197 -18.14 -10.64 28.85
CA SER A 197 -17.48 -11.91 28.51
C SER A 197 -16.73 -11.77 27.22
N CYS A 198 -15.51 -12.30 27.21
CA CYS A 198 -14.64 -12.37 26.07
C CYS A 198 -14.74 -13.83 25.57
N SER A 199 -15.24 -14.01 24.35
CA SER A 199 -15.33 -15.29 23.63
C SER A 199 -14.21 -15.46 22.61
N VAL A 200 -13.55 -16.61 22.66
CA VAL A 200 -12.47 -16.89 21.75
C VAL A 200 -12.74 -18.18 21.04
N MET A 201 -12.52 -18.18 19.71
CA MET A 201 -12.64 -19.38 18.89
C MET A 201 -11.36 -19.71 18.15
N HIS A 202 -10.90 -20.97 18.29
CA HIS A 202 -9.59 -21.40 17.76
C HIS A 202 -9.61 -22.91 17.62
N GLU A 203 -8.89 -23.42 16.62
CA GLU A 203 -8.83 -24.84 16.31
C GLU A 203 -8.25 -25.69 17.41
N ALA A 204 -7.53 -25.13 18.37
CA ALA A 204 -6.89 -26.00 19.39
C ALA A 204 -7.57 -25.84 20.74
N LEU A 205 -8.67 -25.10 20.84
CA LEU A 205 -9.53 -25.24 22.02
C LEU A 205 -10.41 -26.46 21.88
N HIS A 206 -10.71 -27.07 23.02
CA HIS A 206 -11.77 -28.04 23.12
C HIS A 206 -13.04 -27.38 22.61
N ASN A 207 -13.76 -28.05 21.72
CA ASN A 207 -14.89 -27.53 21.01
C ASN A 207 -14.70 -26.21 20.28
N HIS A 208 -13.47 -25.88 19.95
CA HIS A 208 -13.16 -24.67 19.22
C HIS A 208 -13.59 -23.39 19.90
N TYR A 209 -13.89 -23.44 21.18
CA TYR A 209 -14.49 -22.32 21.88
C TYR A 209 -14.16 -22.26 23.34
N THR A 210 -13.85 -21.07 23.83
CA THR A 210 -13.91 -20.82 25.27
C THR A 210 -14.37 -19.35 25.54
N GLN A 211 -14.81 -19.09 26.76
CA GLN A 211 -15.47 -17.83 27.13
C GLN A 211 -14.99 -17.52 28.55
N LYS A 212 -14.57 -16.29 28.79
CA LYS A 212 -14.12 -15.87 30.09
C LYS A 212 -14.87 -14.64 30.46
N SER A 213 -15.34 -14.59 31.67
CA SER A 213 -16.09 -13.41 32.07
C SER A 213 -15.40 -12.56 33.12
N LEU A 214 -15.94 -11.37 33.37
CA LEU A 214 -15.26 -10.36 34.12
C LEU A 214 -16.34 -9.47 34.69
N SER A 215 -16.37 -9.32 36.01
CA SER A 215 -17.26 -8.36 36.60
C SER A 215 -16.62 -7.62 37.77
N LEU A 216 -17.31 -6.59 38.24
CA LEU A 216 -16.85 -5.84 39.40
C LEU A 216 -16.98 -6.71 40.67
N CYS B 2 20.54 -16.67 -10.26
CA CYS B 2 19.19 -16.46 -10.89
C CYS B 2 19.29 -15.67 -12.20
N PRO B 3 18.27 -15.83 -13.10
CA PRO B 3 18.26 -15.04 -14.33
C PRO B 3 17.82 -13.59 -14.07
N ALA B 4 18.62 -12.63 -14.55
CA ALA B 4 18.34 -11.19 -14.41
C ALA B 4 17.03 -10.82 -15.15
N PRO B 5 16.02 -10.28 -14.43
CA PRO B 5 14.72 -10.08 -15.07
C PRO B 5 14.58 -8.77 -15.87
N GLU B 6 13.48 -8.68 -16.61
CA GLU B 6 13.09 -7.43 -17.26
C GLU B 6 12.68 -6.45 -16.14
N LEU B 7 13.35 -5.30 -16.11
CA LEU B 7 13.03 -4.19 -15.19
C LEU B 7 12.68 -3.01 -16.08
N LEU B 8 11.60 -3.19 -16.81
CA LEU B 8 11.19 -2.18 -17.74
C LEU B 8 10.90 -0.87 -17.03
N GLY B 9 10.34 -0.98 -15.81
CA GLY B 9 10.05 0.18 -14.98
C GLY B 9 11.26 0.95 -14.51
N GLY B 10 12.41 0.28 -14.41
CA GLY B 10 13.60 0.91 -13.80
C GLY B 10 13.46 0.89 -12.28
N PRO B 11 14.30 1.64 -11.57
CA PRO B 11 14.29 1.55 -10.13
C PRO B 11 13.02 2.01 -9.43
N SER B 12 12.88 1.58 -8.20
CA SER B 12 11.87 2.08 -7.29
C SER B 12 12.54 2.56 -6.04
N VAL B 13 11.83 3.43 -5.34
CA VAL B 13 12.39 4.13 -4.22
C VAL B 13 11.42 4.08 -3.02
N PHE B 14 11.93 3.73 -1.85
CA PHE B 14 11.12 3.70 -0.63
C PHE B 14 11.83 4.49 0.43
N LEU B 15 11.09 5.33 1.11
CA LEU B 15 11.64 6.35 2.01
C LEU B 15 11.01 6.22 3.40
N PHE B 16 11.90 6.00 4.37
CA PHE B 16 11.54 5.54 5.71
C PHE B 16 11.85 6.57 6.78
N PRO B 17 10.94 6.72 7.75
CA PRO B 17 11.11 7.69 8.81
C PRO B 17 12.11 7.20 9.84
N PRO B 18 12.62 8.09 10.65
CA PRO B 18 13.37 7.65 11.76
C PRO B 18 12.51 6.85 12.80
N LYS B 19 13.18 6.08 13.64
CA LYS B 19 12.50 5.34 14.72
C LYS B 19 11.90 6.28 15.76
N PRO B 20 10.74 5.95 16.32
CA PRO B 20 10.16 6.91 17.28
C PRO B 20 11.05 7.32 18.50
N LYS B 21 11.74 6.34 19.07
CA LYS B 21 12.66 6.49 20.17
C LYS B 21 13.90 7.37 19.82
N ASP B 22 14.35 7.28 18.58
CA ASP B 22 15.47 8.10 18.16
C ASP B 22 15.12 9.60 18.12
N THR B 23 13.90 9.96 17.74
CA THR B 23 13.50 11.37 17.69
C THR B 23 13.18 11.96 19.04
N LEU B 24 12.81 11.09 19.98
CA LEU B 24 12.43 11.47 21.31
C LEU B 24 13.58 11.50 22.38
N MET B 25 14.74 10.89 22.09
CA MET B 25 15.88 10.87 23.01
C MET B 25 17.07 11.59 22.39
N ILE B 26 17.53 12.63 23.09
CA ILE B 26 18.60 13.43 22.59
C ILE B 26 19.92 12.63 22.43
N SER B 27 20.08 11.59 23.27
CA SER B 27 21.26 10.74 23.21
C SER B 27 21.30 9.84 21.94
N ARG B 28 20.21 9.80 21.18
CA ARG B 28 20.11 8.97 20.01
C ARG B 28 20.09 9.82 18.76
N THR B 29 20.28 9.14 17.64
CA THR B 29 20.45 9.78 16.35
C THR B 29 19.41 9.38 15.33
N PRO B 30 18.40 10.23 15.11
CA PRO B 30 17.34 9.87 14.16
C PRO B 30 17.84 10.05 12.73
N GLU B 31 17.40 9.16 11.88
CA GLU B 31 17.80 9.09 10.45
C GLU B 31 16.59 8.91 9.59
N VAL B 32 16.62 9.51 8.41
CA VAL B 32 15.70 9.17 7.34
C VAL B 32 16.44 8.27 6.38
N THR B 33 15.75 7.27 5.83
CA THR B 33 16.45 6.24 4.98
C THR B 33 15.79 6.12 3.62
N CYS B 34 16.52 6.55 2.61
CA CYS B 34 16.10 6.38 1.22
C CYS B 34 16.66 5.09 0.63
N VAL B 35 15.79 4.16 0.24
CA VAL B 35 16.19 2.85 -0.29
C VAL B 35 15.80 2.77 -1.75
N VAL B 36 16.79 2.50 -2.61
CA VAL B 36 16.58 2.26 -4.05
C VAL B 36 16.79 0.79 -4.40
N VAL B 37 15.71 0.18 -4.90
CA VAL B 37 15.66 -1.22 -5.36
C VAL B 37 15.44 -1.28 -6.86
N ASP B 38 15.48 -2.47 -7.42
CA ASP B 38 15.43 -2.69 -8.87
C ASP B 38 16.43 -1.81 -9.63
N VAL B 39 17.65 -1.77 -9.15
CA VAL B 39 18.77 -1.15 -9.86
C VAL B 39 19.35 -2.21 -10.77
N SER B 40 19.51 -1.91 -12.04
CA SER B 40 20.01 -2.91 -13.00
C SER B 40 21.54 -2.99 -13.07
N HIS B 41 22.03 -4.14 -13.53
CA HIS B 41 23.46 -4.30 -13.85
C HIS B 41 23.86 -3.38 -15.00
N GLU B 42 22.96 -3.21 -15.96
CA GLU B 42 23.22 -2.39 -17.15
C GLU B 42 23.32 -0.89 -16.81
N ASP B 43 22.45 -0.39 -15.91
CA ASP B 43 22.46 1.01 -15.45
C ASP B 43 22.58 1.08 -13.91
N PRO B 44 23.79 0.88 -13.40
CA PRO B 44 23.98 0.75 -11.95
C PRO B 44 24.12 2.07 -11.18
N GLU B 45 24.39 3.16 -11.89
CA GLU B 45 24.75 4.43 -11.25
C GLU B 45 23.54 5.14 -10.64
N VAL B 46 23.63 5.52 -9.38
CA VAL B 46 22.51 6.13 -8.63
C VAL B 46 23.05 7.39 -8.01
N LYS B 47 22.31 8.48 -8.21
CA LYS B 47 22.56 9.75 -7.57
C LYS B 47 21.42 10.10 -6.54
N PHE B 48 21.83 10.76 -5.46
CA PHE B 48 20.97 11.17 -4.40
C PHE B 48 21.04 12.68 -4.21
N ASN B 49 19.89 13.36 -4.16
CA ASN B 49 19.81 14.76 -3.71
C ASN B 49 18.82 14.85 -2.56
N TRP B 50 19.18 15.57 -1.53
CA TRP B 50 18.34 15.62 -0.34
C TRP B 50 18.03 17.03 -0.02
N TYR B 51 16.78 17.26 0.36
CA TYR B 51 16.25 18.57 0.76
C TYR B 51 15.43 18.51 2.07
N VAL B 52 15.60 19.57 2.89
CA VAL B 52 14.82 19.79 4.09
C VAL B 52 14.00 21.06 3.82
N ASP B 53 12.66 20.92 3.76
CA ASP B 53 11.77 22.02 3.35
C ASP B 53 12.34 22.75 2.12
N GLY B 54 12.74 21.97 1.14
CA GLY B 54 13.21 22.51 -0.13
C GLY B 54 14.62 23.06 -0.14
N VAL B 55 15.36 22.95 0.94
CA VAL B 55 16.70 23.48 0.97
C VAL B 55 17.59 22.27 0.80
N GLU B 56 18.51 22.27 -0.16
CA GLU B 56 19.30 21.08 -0.34
C GLU B 56 20.31 21.01 0.77
N VAL B 57 20.60 19.79 1.21
CA VAL B 57 21.58 19.51 2.28
C VAL B 57 22.57 18.48 1.81
N HIS B 58 23.71 18.41 2.48
CA HIS B 58 24.86 17.68 1.92
C HIS B 58 25.45 16.68 2.89
N ASN B 59 24.81 16.47 4.02
CA ASN B 59 25.33 15.60 5.05
C ASN B 59 24.78 14.14 5.07
N ALA B 60 24.13 13.71 3.98
CA ALA B 60 23.81 12.30 3.73
C ALA B 60 25.03 11.38 3.43
N LYS B 61 24.88 10.11 3.82
CA LYS B 61 25.91 9.07 3.74
C LYS B 61 25.32 7.98 2.89
N THR B 62 25.87 7.79 1.72
CA THR B 62 25.43 6.75 0.80
C THR B 62 26.23 5.47 1.04
N LYS B 63 25.56 4.40 1.45
CA LYS B 63 26.18 3.08 1.61
C LYS B 63 26.39 2.38 0.25
N PRO B 64 27.35 1.43 0.16
CA PRO B 64 27.69 0.91 -1.17
C PRO B 64 26.73 -0.17 -1.65
N ARG B 65 26.49 -0.21 -2.95
CA ARG B 65 25.67 -1.24 -3.61
C ARG B 65 25.74 -2.64 -2.99
N GLU B 66 24.58 -3.28 -2.80
CA GLU B 66 24.52 -4.68 -2.38
C GLU B 66 23.69 -5.45 -3.44
N GLU B 67 24.33 -6.41 -4.10
CA GLU B 67 23.67 -7.30 -5.04
C GLU B 67 22.61 -8.11 -4.29
N GLN B 68 21.43 -8.26 -4.88
CA GLN B 68 20.37 -9.09 -4.30
C GLN B 68 20.31 -10.47 -5.01
N TYR B 69 19.61 -11.39 -4.37
CA TYR B 69 19.44 -12.77 -4.83
C TYR B 69 18.74 -12.86 -6.19
N ASN B 70 17.89 -11.87 -6.48
CA ASN B 70 17.21 -11.73 -7.79
C ASN B 70 18.03 -10.98 -8.90
N SER B 71 19.32 -10.81 -8.68
CA SER B 71 20.24 -10.18 -9.65
C SER B 71 19.83 -8.75 -9.98
N THR B 72 19.39 -8.04 -8.93
CA THR B 72 19.23 -6.57 -8.91
C THR B 72 20.06 -5.97 -7.77
N TYR B 73 20.40 -4.69 -7.95
CA TYR B 73 21.10 -3.94 -6.93
C TYR B 73 20.09 -3.25 -6.01
N ARG B 74 20.56 -3.05 -4.78
CA ARG B 74 19.89 -2.22 -3.81
C ARG B 74 20.88 -1.18 -3.30
N VAL B 75 20.40 0.07 -3.19
CA VAL B 75 21.25 1.17 -2.74
C VAL B 75 20.49 2.00 -1.70
N VAL B 76 21.20 2.32 -0.62
CA VAL B 76 20.66 3.00 0.55
C VAL B 76 21.45 4.25 0.88
N SER B 77 20.74 5.36 0.92
CA SER B 77 21.28 6.64 1.45
C SER B 77 20.59 7.02 2.77
N VAL B 78 21.36 7.50 3.75
CA VAL B 78 20.92 7.74 5.13
C VAL B 78 21.20 9.19 5.46
N LEU B 79 20.18 9.92 5.90
CA LEU B 79 20.35 11.32 6.32
C LEU B 79 19.99 11.49 7.77
N THR B 80 20.96 11.93 8.57
CA THR B 80 20.67 12.27 9.94
C THR B 80 19.83 13.57 9.96
N VAL B 81 18.78 13.58 10.80
CA VAL B 81 17.89 14.72 11.03
C VAL B 81 17.98 15.25 12.48
N LEU B 82 17.66 16.52 12.64
CA LEU B 82 17.63 17.11 13.96
C LEU B 82 16.31 16.73 14.61
N HIS B 83 16.41 16.30 15.84
CA HIS B 83 15.22 15.85 16.57
C HIS B 83 14.08 16.84 16.44
N GLN B 84 14.42 18.12 16.63
CA GLN B 84 13.44 19.20 16.61
C GLN B 84 12.92 19.55 15.21
N ASP B 85 13.74 19.46 14.18
CA ASP B 85 13.24 19.61 12.84
C ASP B 85 12.15 18.55 12.52
N TRP B 86 12.37 17.28 12.90
CA TRP B 86 11.49 16.23 12.52
C TRP B 86 10.21 16.43 13.30
N LEU B 87 10.34 16.73 14.58
CA LEU B 87 9.18 16.89 15.45
C LEU B 87 8.33 18.16 15.14
N ASN B 88 8.96 19.20 14.63
CA ASN B 88 8.23 20.34 14.13
C ASN B 88 7.73 20.25 12.69
N GLY B 89 7.83 19.09 12.02
CA GLY B 89 7.07 18.92 10.74
C GLY B 89 7.81 19.30 9.46
N LYS B 90 9.12 19.43 9.55
CA LYS B 90 9.88 19.65 8.33
C LYS B 90 9.79 18.48 7.40
N GLU B 91 9.85 18.79 6.10
CA GLU B 91 9.68 17.80 5.01
C GLU B 91 11.04 17.33 4.50
N TYR B 92 11.26 16.02 4.49
CA TYR B 92 12.52 15.49 3.97
C TYR B 92 12.26 14.88 2.61
N LYS B 93 12.99 15.34 1.61
CA LYS B 93 12.85 14.86 0.25
C LYS B 93 14.12 14.16 -0.26
N CYS B 94 13.95 12.95 -0.73
CA CYS B 94 15.01 12.19 -1.35
C CYS B 94 14.68 12.24 -2.83
N LYS B 95 15.66 12.62 -3.62
CA LYS B 95 15.53 12.64 -5.05
C LYS B 95 16.57 11.67 -5.48
N VAL B 96 16.15 10.77 -6.39
CA VAL B 96 16.92 9.62 -6.87
C VAL B 96 17.00 9.65 -8.39
N SER B 97 18.22 9.81 -8.90
CA SER B 97 18.45 9.91 -10.32
C SER B 97 19.08 8.60 -10.72
N ASN B 98 18.70 8.14 -11.96
CA ASN B 98 19.21 6.91 -12.62
C ASN B 98 18.78 6.90 -14.11
N LYS B 99 19.72 6.56 -14.98
CA LYS B 99 19.55 6.70 -16.44
C LYS B 99 18.48 5.82 -17.07
N ALA B 100 18.01 4.81 -16.31
CA ALA B 100 16.85 4.01 -16.71
C ALA B 100 15.51 4.71 -16.44
N LEU B 101 15.53 5.89 -15.83
CA LEU B 101 14.30 6.60 -15.50
C LEU B 101 14.17 7.75 -16.47
N PRO B 102 12.92 8.14 -16.79
CA PRO B 102 12.73 9.34 -17.62
C PRO B 102 13.08 10.65 -16.86
N ALA B 103 12.87 10.62 -15.54
CA ALA B 103 13.08 11.74 -14.64
C ALA B 103 13.51 11.18 -13.31
N PRO B 104 14.06 12.04 -12.46
CA PRO B 104 14.35 11.59 -11.11
C PRO B 104 13.06 11.31 -10.35
N ILE B 105 13.14 10.36 -9.38
CA ILE B 105 12.09 10.06 -8.50
C ILE B 105 12.35 10.90 -7.26
N GLU B 106 11.23 11.39 -6.73
CA GLU B 106 11.23 12.24 -5.56
C GLU B 106 10.20 11.63 -4.61
N LYS B 107 10.67 11.34 -3.39
CA LYS B 107 9.78 11.04 -2.29
C LYS B 107 10.01 12.02 -1.18
N THR B 108 8.95 12.29 -0.45
CA THR B 108 9.07 13.21 0.63
C THR B 108 8.38 12.56 1.80
N ILE B 109 8.90 12.79 2.99
CA ILE B 109 8.33 12.27 4.23
C ILE B 109 8.42 13.33 5.34
N SER B 110 7.50 13.24 6.28
CA SER B 110 7.49 14.12 7.40
C SER B 110 6.68 13.42 8.40
N LYS B 111 6.64 13.93 9.61
CA LYS B 111 5.88 13.23 10.63
C LYS B 111 4.43 13.35 10.32
N ALA B 112 3.68 12.41 10.85
CA ALA B 112 2.22 12.43 10.85
C ALA B 112 1.72 13.77 11.26
N LYS B 113 0.78 14.30 10.50
CA LYS B 113 0.09 15.53 10.83
C LYS B 113 -1.15 15.09 11.67
N GLY B 114 -1.92 15.99 12.21
CA GLY B 114 -2.95 15.59 13.18
C GLY B 114 -2.50 16.13 14.52
N GLN B 115 -3.49 16.44 15.33
CA GLN B 115 -3.31 17.16 16.54
C GLN B 115 -2.74 16.12 17.47
N PRO B 116 -1.61 16.41 18.09
CA PRO B 116 -1.10 15.43 19.05
C PRO B 116 -2.00 15.16 20.23
N ARG B 117 -1.98 13.94 20.73
CA ARG B 117 -2.75 13.64 21.90
C ARG B 117 -1.91 12.74 22.86
N GLU B 118 -1.95 13.06 24.13
CA GLU B 118 -1.10 12.47 25.16
C GLU B 118 -1.52 11.05 25.53
N PRO B 119 -0.59 10.08 25.49
CA PRO B 119 -0.93 8.71 25.89
C PRO B 119 -1.34 8.58 27.35
N GLN B 120 -2.45 7.89 27.63
CA GLN B 120 -2.79 7.55 28.99
CA GLN B 120 -2.84 7.50 28.99
C GLN B 120 -2.25 6.12 29.21
N VAL B 121 -1.46 5.94 30.25
CA VAL B 121 -0.74 4.71 30.48
C VAL B 121 -1.25 3.93 31.69
N TYR B 122 -1.69 2.69 31.51
CA TYR B 122 -2.33 1.94 32.62
C TYR B 122 -1.65 0.57 32.78
N THR B 123 -1.21 0.21 33.97
CA THR B 123 -0.55 -1.07 34.15
C THR B 123 -1.59 -2.00 34.74
N LEU B 124 -1.57 -3.26 34.32
CA LEU B 124 -2.55 -4.23 34.75
C LEU B 124 -1.83 -5.46 35.21
N PRO B 125 -2.14 -5.95 36.40
CA PRO B 125 -1.48 -7.16 36.85
C PRO B 125 -1.98 -8.44 36.15
N PRO B 126 -1.31 -9.57 36.39
CA PRO B 126 -1.81 -10.84 35.94
C PRO B 126 -3.23 -11.12 36.41
N SER B 127 -4.12 -11.55 35.51
CA SER B 127 -5.32 -12.30 35.87
C SER B 127 -5.02 -13.32 36.92
N ARG B 128 -6.00 -13.51 37.83
CA ARG B 128 -5.91 -14.50 38.92
C ARG B 128 -5.71 -15.94 38.34
N ASP B 129 -6.40 -16.25 37.23
CA ASP B 129 -6.25 -17.49 36.49
C ASP B 129 -4.83 -17.77 35.99
N GLU B 130 -4.02 -16.77 35.66
CA GLU B 130 -2.68 -17.07 35.16
C GLU B 130 -1.77 -17.56 36.32
N LEU B 131 -2.11 -17.13 37.55
CA LEU B 131 -1.21 -17.28 38.70
C LEU B 131 -0.89 -18.74 38.99
N THR B 132 -1.64 -19.64 38.32
CA THR B 132 -1.37 -21.07 38.36
C THR B 132 -0.29 -21.50 37.37
N LYS B 133 0.32 -20.57 36.64
CA LYS B 133 1.40 -20.91 35.72
C LYS B 133 2.74 -20.52 36.28
N ASN B 134 3.78 -21.08 35.67
CA ASN B 134 5.18 -20.78 36.05
C ASN B 134 5.74 -19.48 35.50
N GLN B 135 5.06 -18.93 34.51
CA GLN B 135 5.37 -17.58 34.02
CA GLN B 135 5.36 -17.61 33.96
C GLN B 135 4.08 -16.77 34.05
N VAL B 136 4.20 -15.48 34.32
CA VAL B 136 3.04 -14.55 34.32
C VAL B 136 3.29 -13.31 33.44
N SER B 137 2.17 -12.64 33.17
CA SER B 137 2.10 -11.65 32.12
C SER B 137 1.72 -10.32 32.80
N LEU B 138 2.63 -9.37 32.71
CA LEU B 138 2.39 -8.00 33.18
C LEU B 138 2.02 -7.16 31.98
N THR B 139 0.92 -6.45 32.07
CA THR B 139 0.38 -5.77 30.91
C THR B 139 0.49 -4.25 31.07
N CYS B 140 0.84 -3.56 30.00
CA CYS B 140 0.74 -2.12 29.99
C CYS B 140 -0.18 -1.72 28.88
N LEU B 141 -1.30 -1.09 29.20
CA LEU B 141 -2.20 -0.47 28.18
C LEU B 141 -1.85 1.01 27.95
N VAL B 142 -1.63 1.40 26.69
CA VAL B 142 -1.33 2.76 26.38
C VAL B 142 -2.35 3.14 25.35
N LYS B 143 -3.24 4.06 25.73
CA LYS B 143 -4.36 4.50 24.94
C LYS B 143 -4.42 6.02 24.78
N GLY B 144 -5.23 6.42 23.81
CA GLY B 144 -5.53 7.79 23.55
C GLY B 144 -4.47 8.64 22.91
N PHE B 145 -3.53 8.05 22.21
CA PHE B 145 -2.37 8.84 21.76
C PHE B 145 -2.34 9.09 20.23
N TYR B 146 -1.76 10.22 19.86
CA TYR B 146 -1.63 10.59 18.49
C TYR B 146 -0.38 11.51 18.41
N PRO B 147 0.54 11.31 17.48
CA PRO B 147 0.46 10.28 16.47
C PRO B 147 0.80 8.84 16.94
N SER B 148 0.76 7.90 16.03
CA SER B 148 1.00 6.47 16.36
C SER B 148 2.44 6.16 16.76
N ASP B 149 3.36 7.07 16.46
CA ASP B 149 4.77 6.93 16.80
C ASP B 149 4.97 6.97 18.29
N ILE B 150 5.48 5.85 18.86
CA ILE B 150 5.60 5.72 20.24
C ILE B 150 6.61 4.64 20.51
N ALA B 151 7.14 4.56 21.73
CA ALA B 151 8.02 3.47 22.05
C ALA B 151 7.78 3.12 23.47
N VAL B 152 7.93 1.85 23.79
CA VAL B 152 7.61 1.37 25.15
C VAL B 152 8.67 0.42 25.58
N GLU B 153 9.10 0.52 26.82
CA GLU B 153 10.09 -0.40 27.39
C GLU B 153 9.64 -0.85 28.75
N TRP B 154 10.34 -1.83 29.31
CA TRP B 154 10.06 -2.27 30.66
C TRP B 154 11.29 -2.36 31.56
N GLU B 155 11.09 -2.15 32.86
CA GLU B 155 12.09 -2.37 33.89
C GLU B 155 11.54 -3.08 35.11
N SER B 156 12.48 -3.66 35.85
CA SER B 156 12.26 -4.30 37.12
C SER B 156 13.25 -3.69 38.11
N ASN B 157 12.75 -3.08 39.19
CA ASN B 157 13.62 -2.37 40.12
C ASN B 157 14.62 -1.40 39.43
N GLY B 158 14.19 -0.81 38.32
CA GLY B 158 14.93 0.21 37.67
C GLY B 158 15.95 -0.28 36.70
N GLN B 159 15.99 -1.58 36.43
CA GLN B 159 16.95 -2.11 35.46
C GLN B 159 16.17 -2.75 34.33
N PRO B 160 16.67 -2.65 33.07
CA PRO B 160 15.85 -3.01 31.94
C PRO B 160 15.57 -4.51 31.83
N GLU B 161 14.33 -4.80 31.47
CA GLU B 161 13.86 -6.14 31.21
C GLU B 161 14.01 -6.40 29.74
N ASN B 162 14.01 -7.66 29.36
CA ASN B 162 14.20 -8.06 27.99
C ASN B 162 13.02 -8.82 27.26
N ASN B 163 12.39 -9.74 28.00
CA ASN B 163 11.32 -10.55 27.45
C ASN B 163 9.89 -9.86 27.46
N TYR B 164 9.74 -8.87 26.60
CA TYR B 164 8.45 -8.24 26.46
C TYR B 164 8.22 -8.07 25.01
N LYS B 165 6.95 -7.99 24.65
CA LYS B 165 6.55 -7.73 23.34
C LYS B 165 5.50 -6.68 23.39
N THR B 166 5.49 -5.88 22.37
CA THR B 166 4.53 -4.80 22.27
C THR B 166 3.79 -4.90 20.96
N THR B 167 2.46 -4.76 21.01
CA THR B 167 1.60 -4.79 19.80
C THR B 167 1.81 -3.60 18.95
N PRO B 168 1.48 -3.70 17.66
CA PRO B 168 1.45 -2.48 16.89
C PRO B 168 0.33 -1.59 17.45
N PRO B 169 0.38 -0.28 17.17
CA PRO B 169 -0.65 0.68 17.54
C PRO B 169 -1.87 0.33 16.71
N VAL B 170 -3.04 0.38 17.33
CA VAL B 170 -4.32 0.16 16.69
C VAL B 170 -5.15 1.46 16.65
N LEU B 171 -5.74 1.81 15.50
CA LEU B 171 -6.65 2.96 15.44
C LEU B 171 -7.92 2.70 16.24
N ASP B 172 -8.14 3.46 17.29
CA ASP B 172 -9.36 3.37 18.09
C ASP B 172 -10.53 4.12 17.48
N SER B 173 -11.72 4.01 18.10
CA SER B 173 -12.93 4.60 17.53
C SER B 173 -12.94 6.12 17.48
N ASP B 174 -12.17 6.83 18.32
CA ASP B 174 -12.17 8.33 18.28
C ASP B 174 -11.03 8.89 17.47
N GLY B 175 -10.36 8.02 16.70
CA GLY B 175 -9.27 8.50 15.83
C GLY B 175 -7.95 8.53 16.57
N SER B 176 -7.95 8.33 17.87
CA SER B 176 -6.64 8.13 18.53
C SER B 176 -6.19 6.65 18.43
N PHE B 177 -4.98 6.38 18.91
CA PHE B 177 -4.38 5.06 18.94
C PHE B 177 -4.27 4.48 20.32
N PHE B 178 -4.15 3.15 20.34
CA PHE B 178 -3.83 2.39 21.48
C PHE B 178 -2.93 1.19 21.18
N LEU B 179 -2.27 0.66 22.25
CA LEU B 179 -1.52 -0.58 22.15
C LEU B 179 -1.43 -1.17 23.51
N TYR B 180 -1.09 -2.44 23.59
CA TYR B 180 -0.71 -3.08 24.78
C TYR B 180 0.74 -3.59 24.69
N SER B 181 1.46 -3.53 25.77
CA SER B 181 2.76 -4.17 25.85
C SER B 181 2.64 -5.25 26.94
N LYS B 182 3.17 -6.45 26.66
CA LYS B 182 3.22 -7.54 27.61
C LYS B 182 4.66 -7.96 27.97
N LEU B 183 4.99 -7.91 29.26
CA LEU B 183 6.23 -8.47 29.80
C LEU B 183 5.93 -9.78 30.48
N THR B 184 6.75 -10.77 30.19
CA THR B 184 6.60 -12.08 30.79
C THR B 184 7.68 -12.22 31.82
N VAL B 185 7.29 -12.53 33.06
CA VAL B 185 8.24 -12.84 34.11
C VAL B 185 7.97 -14.19 34.82
N ASP B 186 9.02 -14.80 35.35
CA ASP B 186 8.85 -15.98 36.25
C ASP B 186 8.04 -15.61 37.50
N LYS B 187 6.99 -16.43 37.73
CA LYS B 187 5.98 -16.16 38.74
C LYS B 187 6.66 -15.72 40.02
N SER B 188 7.78 -16.37 40.37
CA SER B 188 8.50 -16.02 41.59
C SER B 188 8.90 -14.52 41.64
N ARG B 189 9.44 -14.00 40.55
CA ARG B 189 9.73 -12.57 40.47
C ARG B 189 8.49 -11.73 40.79
N TRP B 190 7.31 -12.14 40.37
CA TRP B 190 6.10 -11.37 40.70
C TRP B 190 5.76 -11.46 42.20
N GLN B 191 5.69 -12.69 42.70
CA GLN B 191 5.29 -12.97 44.11
C GLN B 191 6.26 -12.40 45.13
N GLN B 192 7.54 -12.33 44.76
CA GLN B 192 8.59 -11.72 45.62
C GLN B 192 8.53 -10.20 45.80
N GLY B 193 7.51 -9.55 45.25
CA GLY B 193 7.32 -8.14 45.50
C GLY B 193 8.22 -7.21 44.69
N ASN B 194 8.97 -7.72 43.70
CA ASN B 194 9.73 -6.83 42.78
C ASN B 194 8.80 -5.78 42.08
N VAL B 195 9.36 -4.60 41.85
CA VAL B 195 8.64 -3.46 41.27
C VAL B 195 8.97 -3.38 39.79
N PHE B 196 7.94 -3.55 38.94
CA PHE B 196 8.10 -3.50 37.50
C PHE B 196 7.62 -2.17 37.00
N SER B 197 8.14 -1.76 35.85
CA SER B 197 7.79 -0.47 35.25
C SER B 197 7.58 -0.58 33.78
N CYS B 198 6.52 0.05 33.33
CA CYS B 198 6.23 0.24 31.95
C CYS B 198 6.62 1.69 31.60
N SER B 199 7.58 1.87 30.69
CA SER B 199 8.06 3.18 30.30
C SER B 199 7.68 3.54 28.90
N VAL B 200 7.15 4.74 28.75
CA VAL B 200 6.56 5.13 27.52
C VAL B 200 7.16 6.43 27.03
N MET B 201 7.57 6.41 25.76
CA MET B 201 8.05 7.62 25.12
C MET B 201 7.22 8.08 24.00
N HIS B 202 6.81 9.35 24.04
CA HIS B 202 5.87 9.95 23.05
C HIS B 202 6.01 11.50 23.07
N GLU B 203 5.90 12.09 21.90
CA GLU B 203 6.08 13.54 21.70
C GLU B 203 5.14 14.45 22.47
N ALA B 204 3.95 13.96 22.76
CA ALA B 204 3.01 14.66 23.61
C ALA B 204 3.15 14.37 25.08
N LEU B 205 4.13 13.60 25.54
CA LEU B 205 4.36 13.48 26.98
C LEU B 205 5.35 14.58 27.40
N HIS B 206 5.15 15.12 28.58
CA HIS B 206 6.11 16.00 29.23
C HIS B 206 7.47 15.30 29.27
N ASN B 207 8.48 15.98 28.72
CA ASN B 207 9.86 15.44 28.53
C ASN B 207 9.85 14.13 27.78
N HIS B 208 8.83 13.92 26.94
CA HIS B 208 8.76 12.76 26.07
C HIS B 208 8.75 11.43 26.80
N TYR B 209 8.34 11.42 28.07
CA TYR B 209 8.53 10.26 28.89
C TYR B 209 7.57 10.23 30.05
N THR B 210 7.13 9.01 30.35
CA THR B 210 6.48 8.73 31.58
C THR B 210 6.72 7.23 31.94
N GLN B 211 6.62 6.89 33.25
CA GLN B 211 6.89 5.58 33.80
C GLN B 211 5.69 5.25 34.63
N LYS B 212 5.18 4.04 34.48
CA LYS B 212 4.16 3.60 35.41
C LYS B 212 4.58 2.29 36.01
N SER B 213 4.39 2.20 37.30
CA SER B 213 4.81 1.05 38.06
C SER B 213 3.68 0.09 38.42
N LEU B 214 4.10 -1.12 38.76
CA LEU B 214 3.23 -2.21 39.04
C LEU B 214 3.96 -3.19 39.93
N SER B 215 3.25 -3.71 40.90
CA SER B 215 3.79 -4.76 41.73
C SER B 215 2.67 -5.28 42.62
N LEU B 216 2.99 -6.30 43.40
CA LEU B 216 2.01 -7.02 44.22
C LEU B 216 1.84 -6.36 45.63
N SER B 217 0.65 -6.49 46.24
CA SER B 217 0.48 -6.38 47.74
C SER B 217 -0.26 -7.59 48.32
N THR C 1 4.76 40.96 -51.87
CA THR C 1 4.04 40.08 -50.90
C THR C 1 2.63 39.72 -51.40
N ASP C 2 2.55 39.22 -52.64
CA ASP C 2 1.28 38.86 -53.35
C ASP C 2 1.22 37.37 -53.74
N LEU C 3 1.30 36.50 -52.72
CA LEU C 3 1.68 35.06 -52.83
C LEU C 3 0.75 34.14 -51.94
N PRO C 4 1.17 32.88 -51.66
CA PRO C 4 0.38 32.07 -50.74
C PRO C 4 1.11 31.82 -49.42
N LYS C 5 0.33 31.45 -48.40
CA LYS C 5 0.87 31.13 -47.09
C LYS C 5 1.29 29.67 -47.07
N ALA C 6 2.53 29.40 -46.65
CA ALA C 6 3.01 28.03 -46.34
C ALA C 6 2.47 27.50 -45.02
N VAL C 7 2.50 26.19 -44.86
CA VAL C 7 1.84 25.50 -43.75
C VAL C 7 2.76 24.47 -43.17
N VAL C 8 2.90 24.44 -41.85
CA VAL C 8 3.67 23.41 -41.14
C VAL C 8 2.80 22.17 -40.86
N PHE C 9 3.33 20.98 -41.13
CA PHE C 9 2.73 19.66 -40.82
C PHE C 9 3.75 18.86 -40.01
N LEU C 10 3.28 18.09 -39.02
CA LEU C 10 4.12 17.18 -38.21
C LEU C 10 3.82 15.74 -38.54
N GLU C 11 4.87 14.90 -38.55
CA GLU C 11 4.74 13.42 -38.67
C GLU C 11 5.63 12.67 -37.62
N PRO C 12 5.01 11.91 -36.68
CA PRO C 12 3.53 11.79 -36.49
C PRO C 12 2.83 13.07 -36.00
N GLN C 13 1.50 13.08 -36.15
CA GLN C 13 0.76 14.32 -35.97
C GLN C 13 0.74 14.86 -34.53
N TRP C 14 1.45 14.23 -33.60
CA TRP C 14 1.36 14.63 -32.24
C TRP C 14 2.20 15.90 -32.00
N TYR C 15 1.48 17.00 -31.82
CA TYR C 15 1.98 18.23 -31.21
C TYR C 15 2.58 18.11 -29.78
N ARG C 16 2.29 17.05 -29.01
CA ARG C 16 2.83 16.84 -27.64
C ARG C 16 3.52 15.51 -27.62
N VAL C 17 4.77 15.47 -27.20
CA VAL C 17 5.62 14.32 -27.39
C VAL C 17 6.35 14.16 -26.08
N LEU C 18 7.02 13.01 -25.95
CA LEU C 18 7.95 12.71 -24.87
C LEU C 18 9.43 12.84 -25.30
N GLU C 19 10.35 12.95 -24.35
CA GLU C 19 11.76 13.02 -24.71
C GLU C 19 12.11 11.67 -25.29
N LYS C 20 13.10 11.67 -26.21
CA LYS C 20 13.49 10.49 -27.02
C LYS C 20 12.48 10.08 -28.12
N ASP C 21 11.43 10.88 -28.34
CA ASP C 21 10.59 10.72 -29.51
C ASP C 21 11.24 11.33 -30.75
N SER C 22 10.93 10.75 -31.91
CA SER C 22 11.29 11.29 -33.24
C SER C 22 10.16 12.14 -33.71
N VAL C 23 10.46 13.33 -34.21
CA VAL C 23 9.49 14.20 -34.85
C VAL C 23 10.02 14.62 -36.22
N THR C 24 9.12 14.80 -37.18
CA THR C 24 9.47 15.31 -38.53
C THR C 24 8.52 16.45 -38.94
N LEU C 25 9.07 17.67 -38.93
CA LEU C 25 8.34 18.87 -39.34
C LEU C 25 8.55 18.96 -40.85
N LYS C 26 7.46 19.22 -41.57
CA LYS C 26 7.40 19.31 -43.01
C LYS C 26 6.78 20.66 -43.43
N CYS C 27 7.28 21.26 -44.53
CA CYS C 27 6.69 22.48 -45.13
C CYS C 27 6.28 22.32 -46.56
N GLN C 28 4.99 22.58 -46.80
CA GLN C 28 4.43 22.61 -48.15
C GLN C 28 4.47 24.05 -48.67
N GLN C 36 13.51 24.96 -54.88
CA GLN C 36 12.84 24.64 -53.63
C GLN C 36 13.73 24.93 -52.39
N SER C 37 13.83 26.22 -52.01
CA SER C 37 14.70 26.69 -50.90
C SER C 37 13.93 26.94 -49.57
N THR C 38 13.78 25.90 -48.76
CA THR C 38 12.86 25.91 -47.57
C THR C 38 13.57 26.29 -46.24
N GLN C 39 13.12 27.37 -45.62
CA GLN C 39 13.75 27.89 -44.40
C GLN C 39 12.97 27.53 -43.13
N TRP C 40 13.68 27.24 -42.02
CA TRP C 40 13.04 26.85 -40.73
C TRP C 40 13.34 27.83 -39.61
N PHE C 41 12.29 28.15 -38.84
CA PHE C 41 12.36 29.08 -37.71
C PHE C 41 11.92 28.39 -36.41
N HIS C 42 12.76 28.48 -35.36
CA HIS C 42 12.52 27.91 -34.03
C HIS C 42 12.70 29.02 -33.02
N ASN C 43 11.63 29.39 -32.31
CA ASN C 43 11.60 30.57 -31.42
C ASN C 43 12.09 31.86 -32.14
N GLU C 44 11.73 32.01 -33.41
CA GLU C 44 12.17 33.12 -34.28
C GLU C 44 13.67 33.17 -34.69
N SER C 45 14.50 32.25 -34.18
CA SER C 45 15.87 32.06 -34.68
C SER C 45 15.89 31.12 -35.88
N LEU C 46 16.73 31.41 -36.88
CA LEU C 46 16.80 30.59 -38.10
C LEU C 46 17.52 29.29 -37.76
N ILE C 47 16.96 28.13 -38.11
CA ILE C 47 17.60 26.83 -37.79
C ILE C 47 18.17 26.12 -39.00
N SER C 48 17.37 25.93 -40.04
CA SER C 48 17.80 25.21 -41.25
C SER C 48 17.64 26.11 -42.47
N SER C 49 18.70 26.21 -43.27
CA SER C 49 18.79 27.17 -44.39
C SER C 49 17.97 26.78 -45.63
N GLN C 50 18.00 25.49 -46.01
CA GLN C 50 17.42 24.99 -47.28
C GLN C 50 16.54 23.73 -47.20
N ALA C 51 16.87 22.77 -46.34
CA ALA C 51 16.18 21.45 -46.27
C ALA C 51 14.64 21.59 -46.10
N SER C 52 13.86 20.74 -46.81
CA SER C 52 12.39 20.89 -46.84
C SER C 52 11.70 20.38 -45.58
N SER C 53 12.18 19.27 -45.05
CA SER C 53 11.75 18.79 -43.73
C SER C 53 12.91 18.86 -42.69
N TYR C 54 12.52 19.04 -41.41
CA TYR C 54 13.43 19.20 -40.27
C TYR C 54 13.21 18.04 -39.33
N PHE C 55 14.22 17.20 -39.17
CA PHE C 55 14.07 15.96 -38.44
C PHE C 55 14.57 16.24 -37.04
N ILE C 56 13.75 15.95 -36.02
CA ILE C 56 14.19 15.94 -34.62
C ILE C 56 14.19 14.48 -34.24
N ASP C 57 15.36 13.93 -33.99
CA ASP C 57 15.52 12.48 -33.87
C ASP C 57 15.16 11.95 -32.47
N ALA C 58 15.65 12.64 -31.44
CA ALA C 58 15.53 12.27 -30.02
C ALA C 58 15.21 13.52 -29.10
N ALA C 59 13.89 13.79 -29.12
CA ALA C 59 13.40 15.02 -28.56
C ALA C 59 13.86 15.26 -27.12
N THR C 60 14.10 16.52 -26.81
CA THR C 60 14.57 16.95 -25.52
C THR C 60 13.76 18.22 -25.29
N VAL C 61 13.67 18.63 -24.04
CA VAL C 61 12.83 19.77 -23.67
C VAL C 61 13.14 21.08 -24.40
N ASP C 62 14.38 21.25 -24.83
CA ASP C 62 14.80 22.47 -25.51
C ASP C 62 14.24 22.58 -26.93
N ASP C 63 13.85 21.42 -27.51
CA ASP C 63 13.14 21.38 -28.81
C ASP C 63 11.70 21.91 -28.81
N SER C 64 11.11 22.09 -27.64
CA SER C 64 9.79 22.70 -27.51
C SER C 64 9.81 24.13 -28.01
N GLY C 65 8.67 24.62 -28.48
CA GLY C 65 8.44 26.03 -28.78
C GLY C 65 7.73 26.23 -30.11
N GLU C 66 7.95 27.41 -30.70
CA GLU C 66 7.31 27.84 -31.94
C GLU C 66 8.19 27.50 -33.16
N TYR C 67 7.62 26.78 -34.13
CA TYR C 67 8.28 26.51 -35.39
C TYR C 67 7.50 27.20 -36.48
N ARG C 68 8.23 27.74 -37.43
CA ARG C 68 7.65 28.37 -38.61
C ARG C 68 8.54 28.03 -39.77
N CYS C 69 8.01 28.28 -40.95
CA CYS C 69 8.79 28.11 -42.17
C CYS C 69 8.31 28.97 -43.34
N GLN C 70 9.17 29.04 -44.35
CA GLN C 70 8.84 29.62 -45.64
C GLN C 70 9.68 28.95 -46.69
N THR C 71 9.22 29.11 -47.93
CA THR C 71 9.90 28.60 -49.10
C THR C 71 10.19 29.76 -50.06
N GLN C 72 10.95 29.47 -51.12
CA GLN C 72 11.36 30.45 -52.17
C GLN C 72 10.17 31.24 -52.71
N LEU C 73 9.09 30.55 -53.07
CA LEU C 73 7.92 31.19 -53.66
C LEU C 73 6.71 31.06 -52.73
N SER C 74 6.89 31.39 -51.44
CA SER C 74 5.75 31.52 -50.52
C SER C 74 6.11 32.24 -49.21
N THR C 75 5.10 32.77 -48.54
CA THR C 75 5.29 33.61 -47.34
C THR C 75 5.33 32.82 -46.01
N LEU C 76 5.89 33.47 -44.98
CA LEU C 76 6.10 32.88 -43.63
C LEU C 76 4.84 32.23 -43.04
N SER C 77 4.98 30.96 -42.62
CA SER C 77 3.84 30.17 -42.15
C SER C 77 3.33 30.63 -40.80
N ASP C 78 2.06 30.33 -40.56
CA ASP C 78 1.52 30.43 -39.22
C ASP C 78 2.30 29.50 -38.30
N PRO C 79 2.46 29.89 -37.02
CA PRO C 79 3.25 29.09 -36.09
C PRO C 79 2.55 27.78 -35.63
N VAL C 80 3.39 26.81 -35.27
CA VAL C 80 3.05 25.53 -34.69
C VAL C 80 3.82 25.44 -33.31
N GLN C 81 3.09 25.24 -32.20
CA GLN C 81 3.67 25.07 -30.89
C GLN C 81 3.94 23.57 -30.73
N LEU C 82 5.18 23.18 -30.46
CA LEU C 82 5.54 21.76 -30.23
C LEU C 82 5.86 21.71 -28.74
N GLU C 83 5.37 20.69 -28.03
CA GLU C 83 5.58 20.51 -26.53
C GLU C 83 6.12 19.13 -26.07
N VAL C 84 7.34 19.24 -25.55
CA VAL C 84 8.14 18.04 -25.26
C VAL C 84 8.04 17.84 -23.77
N HIS C 85 7.48 16.71 -23.38
CA HIS C 85 7.21 16.48 -21.97
C HIS C 85 8.17 15.47 -21.43
N ILE C 86 8.27 15.48 -20.10
CA ILE C 86 9.15 14.59 -19.38
C ILE C 86 8.26 13.64 -18.58
N GLY C 87 8.43 12.34 -18.80
CA GLY C 87 7.75 11.35 -17.99
C GLY C 87 7.47 10.04 -18.66
N TRP C 88 6.78 9.20 -17.93
CA TRP C 88 6.48 7.86 -18.41
C TRP C 88 5.41 7.83 -19.45
N LEU C 89 4.39 8.69 -19.29
CA LEU C 89 3.14 8.57 -20.07
C LEU C 89 2.59 9.87 -20.55
N LEU C 90 2.30 9.91 -21.83
CA LEU C 90 1.73 11.10 -22.43
C LEU C 90 0.51 10.79 -23.32
N LEU C 91 -0.58 11.48 -23.04
CA LEU C 91 -1.85 11.16 -23.67
C LEU C 91 -1.99 12.07 -24.84
N GLN C 92 -2.09 11.52 -26.01
CA GLN C 92 -2.02 12.25 -27.27
C GLN C 92 -3.34 12.14 -27.98
N ALA C 93 -3.63 13.14 -28.81
CA ALA C 93 -4.83 13.24 -29.59
C ALA C 93 -4.51 14.16 -30.77
N PRO C 94 -5.18 13.97 -31.93
CA PRO C 94 -4.89 14.94 -33.01
C PRO C 94 -5.25 16.40 -32.67
N ARG C 95 -6.29 16.62 -31.86
CA ARG C 95 -6.56 17.92 -31.28
C ARG C 95 -7.44 17.72 -30.05
N TRP C 96 -7.80 18.83 -29.38
CA TRP C 96 -8.51 18.81 -28.09
C TRP C 96 -9.92 19.40 -28.15
N VAL C 97 -10.33 19.88 -29.35
CA VAL C 97 -11.65 20.50 -29.58
C VAL C 97 -12.33 19.79 -30.72
N PHE C 98 -13.47 19.20 -30.43
CA PHE C 98 -14.19 18.33 -31.34
C PHE C 98 -15.62 18.84 -31.45
N LYS C 99 -16.24 18.67 -32.61
CA LYS C 99 -17.67 18.89 -32.68
C LYS C 99 -18.43 17.56 -32.59
N GLU C 100 -19.72 17.65 -32.24
CA GLU C 100 -20.56 16.48 -32.07
C GLU C 100 -20.44 15.62 -33.30
N GLU C 101 -20.30 14.32 -33.11
CA GLU C 101 -20.16 13.34 -34.17
C GLU C 101 -18.75 13.18 -34.82
N ASP C 102 -17.80 14.07 -34.50
CA ASP C 102 -16.39 13.84 -34.87
C ASP C 102 -15.77 12.60 -34.16
N PRO C 103 -14.92 11.86 -34.88
CA PRO C 103 -14.10 10.85 -34.20
C PRO C 103 -13.07 11.45 -33.21
N ILE C 104 -12.85 10.77 -32.08
CA ILE C 104 -11.83 11.14 -31.12
C ILE C 104 -10.88 9.96 -31.06
N HIS C 105 -9.60 10.24 -31.34
CA HIS C 105 -8.52 9.26 -31.34
C HIS C 105 -7.58 9.62 -30.19
N LEU C 106 -7.46 8.76 -29.17
CA LEU C 106 -6.51 9.00 -28.09
C LEU C 106 -5.44 7.93 -28.04
N ARG C 107 -4.23 8.33 -27.75
CA ARG C 107 -3.10 7.39 -27.64
C ARG C 107 -2.44 7.54 -26.32
N CYS C 108 -2.23 6.43 -25.63
CA CYS C 108 -1.50 6.44 -24.39
C CYS C 108 -0.08 6.10 -24.80
N HIS C 109 0.77 7.12 -24.81
CA HIS C 109 2.12 6.97 -25.30
C HIS C 109 3.13 6.82 -24.14
N SER C 110 3.88 5.74 -24.14
CA SER C 110 4.91 5.54 -23.16
C SER C 110 6.27 6.06 -23.63
N TRP C 111 7.07 6.48 -22.65
CA TRP C 111 8.48 6.83 -22.83
C TRP C 111 9.23 5.72 -23.59
N LYS C 112 9.85 6.08 -24.73
CA LYS C 112 10.65 5.14 -25.59
C LYS C 112 9.86 3.94 -26.09
N ASN C 113 8.54 4.14 -26.23
CA ASN C 113 7.62 3.05 -26.54
C ASN C 113 7.82 1.84 -25.66
N THR C 114 8.22 2.03 -24.40
CA THR C 114 8.25 0.91 -23.49
C THR C 114 6.88 0.24 -23.50
N ALA C 115 6.91 -1.07 -23.41
CA ALA C 115 5.71 -1.87 -23.33
C ALA C 115 4.90 -1.56 -22.03
N LEU C 116 3.59 -1.43 -22.23
CA LEU C 116 2.67 -0.94 -21.23
C LEU C 116 1.53 -1.90 -21.23
N HIS C 117 1.35 -2.61 -20.14
CA HIS C 117 0.24 -3.56 -20.02
CA HIS C 117 0.27 -3.58 -19.99
C HIS C 117 -0.81 -3.04 -19.00
N LYS C 118 -2.00 -3.65 -18.97
CA LYS C 118 -3.12 -3.24 -18.07
C LYS C 118 -3.35 -1.73 -18.09
N VAL C 119 -3.80 -1.30 -19.23
CA VAL C 119 -3.93 0.10 -19.54
C VAL C 119 -5.37 0.60 -19.32
N THR C 120 -5.51 1.75 -18.75
CA THR C 120 -6.86 2.33 -18.63
C THR C 120 -6.87 3.76 -19.17
N TYR C 121 -7.91 4.13 -19.90
CA TYR C 121 -8.13 5.53 -20.21
C TYR C 121 -9.30 5.95 -19.30
N LEU C 122 -9.15 7.07 -18.61
CA LEU C 122 -10.12 7.55 -17.69
C LEU C 122 -10.68 8.87 -18.17
N GLN C 123 -11.96 9.08 -17.85
CA GLN C 123 -12.63 10.31 -18.07
C GLN C 123 -13.25 10.78 -16.74
N ASN C 124 -12.92 12.02 -16.34
CA ASN C 124 -13.33 12.62 -15.10
C ASN C 124 -13.23 11.69 -13.94
N GLY C 125 -12.07 11.03 -13.82
CA GLY C 125 -11.77 10.10 -12.70
C GLY C 125 -12.30 8.68 -12.77
N LYS C 126 -12.95 8.35 -13.86
CA LYS C 126 -13.61 7.09 -14.00
C LYS C 126 -13.19 6.37 -15.25
N GLY C 127 -13.12 5.05 -15.16
CA GLY C 127 -12.77 4.19 -16.23
C GLY C 127 -13.66 4.30 -17.44
N ARG C 128 -13.03 4.50 -18.57
CA ARG C 128 -13.71 4.58 -19.84
C ARG C 128 -13.39 3.32 -20.64
N LYS C 129 -12.10 2.92 -20.68
CA LYS C 129 -11.69 1.77 -21.42
C LYS C 129 -10.45 1.15 -20.84
N TYR C 130 -10.45 -0.16 -20.77
CA TYR C 130 -9.27 -0.90 -20.29
C TYR C 130 -8.78 -1.77 -21.43
N PHE C 131 -7.48 -1.99 -21.51
CA PHE C 131 -6.87 -2.97 -22.43
C PHE C 131 -5.85 -3.84 -21.74
N HIS C 132 -5.74 -5.15 -22.06
CA HIS C 132 -4.64 -5.93 -21.49
C HIS C 132 -3.28 -5.45 -21.96
N HIS C 133 -3.16 -5.06 -23.23
CA HIS C 133 -1.89 -4.53 -23.78
C HIS C 133 -2.27 -3.22 -24.42
N ASN C 134 -1.33 -2.29 -24.38
CA ASN C 134 -1.56 -0.94 -24.83
C ASN C 134 -2.13 -0.88 -26.20
N SER C 135 -3.17 -0.09 -26.37
CA SER C 135 -3.85 0.18 -27.68
C SER C 135 -4.38 1.54 -27.53
N ASP C 136 -4.75 2.08 -28.67
CA ASP C 136 -5.22 3.45 -28.80
C ASP C 136 -6.71 3.43 -28.47
N PHE C 137 -7.26 4.55 -27.99
CA PHE C 137 -8.64 4.63 -27.70
C PHE C 137 -9.35 5.45 -28.77
N TYR C 138 -10.22 4.79 -29.53
CA TYR C 138 -11.03 5.43 -30.57
CA TYR C 138 -11.02 5.41 -30.57
C TYR C 138 -12.50 5.56 -30.12
N ILE C 139 -13.01 6.80 -30.10
CA ILE C 139 -14.45 7.07 -29.92
C ILE C 139 -14.93 7.55 -31.29
N PRO C 140 -15.72 6.68 -32.02
CA PRO C 140 -16.14 6.99 -33.41
C PRO C 140 -16.91 8.29 -33.53
N LYS C 141 -17.86 8.52 -32.62
CA LYS C 141 -18.79 9.63 -32.74
C LYS C 141 -18.90 10.41 -31.44
N ALA C 142 -18.17 11.52 -31.35
CA ALA C 142 -18.23 12.41 -30.16
C ALA C 142 -19.65 12.88 -29.83
N THR C 143 -20.02 12.80 -28.55
CA THR C 143 -21.18 13.50 -28.03
C THR C 143 -20.68 14.50 -26.96
N LEU C 144 -21.63 15.30 -26.46
CA LEU C 144 -21.43 16.16 -25.32
C LEU C 144 -20.95 15.41 -24.10
N LYS C 145 -21.37 14.15 -23.93
CA LYS C 145 -20.95 13.34 -22.80
C LYS C 145 -19.42 13.01 -22.78
N ASP C 146 -18.71 13.18 -23.90
CA ASP C 146 -17.27 12.93 -23.96
C ASP C 146 -16.40 14.06 -23.47
N SER C 147 -17.00 15.19 -23.19
CA SER C 147 -16.27 16.32 -22.64
C SER C 147 -15.79 16.02 -21.20
N GLY C 148 -14.65 16.59 -20.85
CA GLY C 148 -14.05 16.46 -19.52
C GLY C 148 -12.52 16.25 -19.56
N SER C 149 -11.97 15.94 -18.40
CA SER C 149 -10.57 15.72 -18.26
C SER C 149 -10.25 14.24 -18.42
N TYR C 150 -9.19 13.93 -19.16
CA TYR C 150 -8.79 12.58 -19.39
C TYR C 150 -7.36 12.37 -18.98
N PHE C 151 -7.05 11.12 -18.61
CA PHE C 151 -5.71 10.61 -18.50
C PHE C 151 -5.69 9.11 -18.73
N CYS C 152 -4.49 8.59 -18.92
CA CYS C 152 -4.30 7.19 -19.08
C CYS C 152 -3.27 6.70 -18.09
N ARG C 153 -3.26 5.41 -17.93
CA ARG C 153 -2.39 4.79 -16.90
C ARG C 153 -2.24 3.30 -17.20
N GLY C 154 -1.18 2.75 -16.62
CA GLY C 154 -0.89 1.33 -16.80
C GLY C 154 0.33 0.88 -16.08
N LEU C 155 0.77 -0.34 -16.37
CA LEU C 155 1.95 -0.90 -15.74
C LEU C 155 3.13 -1.07 -16.76
N VAL C 156 4.30 -0.58 -16.36
CA VAL C 156 5.57 -0.83 -17.01
C VAL C 156 6.30 -1.79 -16.14
N GLY C 157 6.35 -3.04 -16.56
CA GLY C 157 6.68 -4.14 -15.67
C GLY C 157 5.66 -4.22 -14.50
N SER C 158 6.14 -4.09 -13.28
CA SER C 158 5.22 -4.01 -12.14
C SER C 158 5.04 -2.57 -11.66
N LYS C 159 5.67 -1.59 -12.29
CA LYS C 159 5.47 -0.21 -11.88
C LYS C 159 4.23 0.42 -12.52
N ASN C 160 3.36 0.92 -11.67
CA ASN C 160 2.19 1.67 -11.98
C ASN C 160 2.47 3.14 -12.34
N VAL C 161 2.15 3.53 -13.57
CA VAL C 161 2.45 4.89 -14.06
C VAL C 161 1.26 5.49 -14.72
N SER C 162 1.16 6.82 -14.63
CA SER C 162 0.07 7.52 -15.25
C SER C 162 0.49 8.87 -15.86
N SER C 163 -0.34 9.34 -16.79
CA SER C 163 -0.04 10.54 -17.60
C SER C 163 -0.65 11.77 -16.90
N GLU C 164 -0.25 12.98 -17.25
CA GLU C 164 -0.93 14.15 -16.68
C GLU C 164 -2.27 14.17 -17.42
N THR C 165 -3.20 14.97 -16.89
CA THR C 165 -4.56 15.06 -17.44
C THR C 165 -4.63 16.02 -18.63
N VAL C 166 -5.62 15.85 -19.49
CA VAL C 166 -5.82 16.71 -20.64
C VAL C 166 -7.29 16.96 -20.77
N GLN C 167 -7.65 18.14 -21.25
CA GLN C 167 -9.03 18.60 -21.29
C GLN C 167 -9.52 18.44 -22.75
N ILE C 168 -10.67 17.82 -22.92
CA ILE C 168 -11.38 17.67 -24.20
C ILE C 168 -12.71 18.43 -24.10
N THR C 169 -12.96 19.35 -25.03
CA THR C 169 -14.20 20.12 -25.13
C THR C 169 -14.93 19.67 -26.35
N ILE C 170 -16.24 19.46 -26.22
CA ILE C 170 -17.10 19.17 -27.34
C ILE C 170 -17.98 20.36 -27.58
N THR C 171 -18.03 20.85 -28.81
CA THR C 171 -18.78 22.07 -29.15
C THR C 171 -20.19 21.81 -29.70
N GLN C 172 -21.02 22.84 -29.55
CA GLN C 172 -22.37 22.89 -30.11
C GLN C 172 -22.48 24.00 -31.12
#